data_2RC4
#
_entry.id   2RC4
#
_cell.length_a   109.200
_cell.length_b   109.200
_cell.length_c   144.779
_cell.angle_alpha   90.000
_cell.angle_beta   90.000
_cell.angle_gamma   90.000
#
_symmetry.space_group_name_H-M   'I 4 2 2'
#
loop_
_entity.id
_entity.type
_entity.pdbx_description
1 polymer 'Histone acetyltransferase MYST3'
2 non-polymer 'ZINC ION'
3 non-polymer 'ACETYL COENZYME *A'
4 water water
#
_entity_poly.entity_id   1
_entity_poly.type   'polypeptide(L)'
_entity_poly.pdbx_seq_one_letter_code
;PPDPQVRCPSVIEFGKYEIHTWYSSPYPQEYSRLPKLYLCEFCLKYMKSRTILQQHMKKCGWFHPPANEIYRKNNISVFE
VDGNVSTIYCQNLCLLAKLFLDHKTLYYDVEPFLFYVLTQNDVKGCHLVGYFSKEKHCQQKYNVSCIMILPQYQRKGYGR
FLIDFSYLLSKREGQAGSPEKPLSDLGRLSYMAYWKSVILECLYHQNDKQISIKKLSKLTGICPQDITSTLHHLRMLDFR
SDQFVRRRREKLIQDHMAKLQLNLRPVDVDPECLRWTPVIVSNSKKK
;
_entity_poly.pdbx_strand_id   A
#
loop_
_chem_comp.id
_chem_comp.type
_chem_comp.name
_chem_comp.formula
ACO non-polymer 'ACETYL COENZYME *A' 'C23 H38 N7 O17 P3 S'
ZN non-polymer 'ZINC ION' 'Zn 2'
#
# COMPACT_ATOMS: atom_id res chain seq x y z
N ARG A 7 -18.80 -8.95 13.24
CA ARG A 7 -19.49 -8.34 12.07
C ARG A 7 -19.60 -9.37 10.94
N CYS A 8 -19.20 -9.01 9.72
CA CYS A 8 -19.40 -9.90 8.57
C CYS A 8 -18.11 -10.39 7.88
N PRO A 9 -17.29 -11.22 8.57
CA PRO A 9 -17.36 -11.69 9.95
C PRO A 9 -16.31 -11.10 10.90
N SER A 10 -16.26 -11.73 12.08
CA SER A 10 -15.48 -11.35 13.24
C SER A 10 -14.03 -11.74 13.02
N VAL A 11 -13.82 -13.03 12.71
CA VAL A 11 -12.49 -13.61 12.49
C VAL A 11 -12.33 -14.22 11.09
N ILE A 12 -11.09 -14.20 10.60
CA ILE A 12 -10.72 -14.94 9.39
C ILE A 12 -9.43 -15.71 9.68
N GLU A 13 -9.18 -16.76 8.91
CA GLU A 13 -7.87 -17.40 8.91
C GLU A 13 -7.26 -17.21 7.55
N PHE A 14 -6.13 -16.50 7.52
CA PHE A 14 -5.30 -16.39 6.34
C PHE A 14 -4.39 -17.60 6.35
N GLY A 15 -3.31 -17.58 5.58
CA GLY A 15 -2.28 -18.58 5.80
C GLY A 15 -1.96 -18.51 7.29
N LYS A 16 -1.71 -19.67 7.91
CA LYS A 16 -1.43 -19.78 9.36
C LYS A 16 -2.17 -18.82 10.33
N TYR A 17 -1.84 -17.52 10.31
CA TYR A 17 -2.45 -16.53 11.20
C TYR A 17 -4.00 -16.46 11.14
N GLU A 18 -4.59 -16.08 12.27
CA GLU A 18 -6.00 -15.77 12.40
C GLU A 18 -6.12 -14.27 12.63
N ILE A 19 -6.78 -13.57 11.72
CA ILE A 19 -6.89 -12.11 11.81
C ILE A 19 -8.29 -11.70 12.24
N HIS A 20 -8.36 -10.78 13.18
CA HIS A 20 -9.61 -10.22 13.64
C HIS A 20 -9.95 -9.00 12.81
N THR A 21 -11.07 -9.11 12.11
CA THR A 21 -11.51 -8.10 11.17
C THR A 21 -11.83 -6.79 11.86
N TRP A 22 -11.86 -5.70 11.11
CA TRP A 22 -12.19 -4.38 11.67
C TRP A 22 -13.60 -3.92 11.30
N TYR A 23 -14.01 -4.26 10.08
CA TYR A 23 -15.32 -3.89 9.56
C TYR A 23 -15.93 -5.05 8.78
N SER A 24 -17.16 -4.88 8.32
CA SER A 24 -17.79 -5.87 7.45
C SER A 24 -17.24 -5.84 6.04
N SER A 25 -17.48 -6.92 5.31
CA SER A 25 -17.20 -6.97 3.89
C SER A 25 -18.28 -7.81 3.20
N PRO A 26 -18.77 -7.35 2.03
CA PRO A 26 -19.77 -8.02 1.22
C PRO A 26 -19.68 -9.54 1.13
N TYR A 27 -18.52 -10.15 1.37
CA TYR A 27 -18.42 -11.60 1.39
C TYR A 27 -19.81 -12.21 1.58
N PRO A 28 -20.40 -12.75 0.49
CA PRO A 28 -21.77 -13.25 0.32
C PRO A 28 -22.45 -13.73 1.60
N GLN A 29 -23.66 -13.23 1.88
CA GLN A 29 -24.41 -13.57 3.10
C GLN A 29 -24.10 -14.98 3.62
N GLU A 30 -24.39 -15.98 2.78
CA GLU A 30 -24.05 -17.38 3.03
C GLU A 30 -22.68 -17.56 3.72
N TYR A 31 -21.70 -16.79 3.29
CA TYR A 31 -20.36 -16.81 3.86
C TYR A 31 -20.27 -15.93 5.10
N SER A 32 -20.52 -14.64 4.95
CA SER A 32 -20.37 -13.67 6.03
C SER A 32 -20.85 -14.26 7.37
N ARG A 33 -22.11 -14.73 7.38
CA ARG A 33 -22.71 -15.33 8.56
C ARG A 33 -21.79 -16.31 9.31
N LEU A 34 -21.12 -17.20 8.57
CA LEU A 34 -20.17 -18.14 9.17
C LEU A 34 -19.16 -17.40 10.07
N PRO A 35 -19.03 -17.86 11.35
CA PRO A 35 -18.26 -17.15 12.40
C PRO A 35 -16.82 -16.79 12.01
N LYS A 36 -16.21 -17.61 11.16
CA LYS A 36 -14.84 -17.41 10.69
C LYS A 36 -14.74 -17.74 9.20
N LEU A 37 -13.93 -17.00 8.46
CA LEU A 37 -13.84 -17.17 7.01
C LEU A 37 -12.44 -17.54 6.51
N TYR A 38 -12.23 -18.83 6.28
CA TYR A 38 -10.95 -19.36 5.82
C TYR A 38 -10.65 -18.95 4.38
N LEU A 39 -9.41 -18.57 4.08
CA LEU A 39 -9.17 -17.77 2.89
C LEU A 39 -8.19 -18.25 1.82
N CYS A 40 -7.17 -19.02 2.16
CA CYS A 40 -6.10 -19.31 1.19
C CYS A 40 -5.24 -18.08 0.87
N GLU A 41 -4.05 -18.15 1.43
CA GLU A 41 -2.98 -17.19 1.31
C GLU A 41 -2.76 -16.59 -0.07
N PHE A 42 -3.09 -17.31 -1.13
CA PHE A 42 -2.68 -16.94 -2.49
C PHE A 42 -3.82 -16.62 -3.46
N CYS A 43 -4.65 -17.60 -3.81
CA CYS A 43 -5.75 -17.31 -4.72
C CYS A 43 -6.80 -16.41 -4.07
N LEU A 44 -6.64 -16.19 -2.75
CA LEU A 44 -7.54 -15.36 -1.92
C LEU A 44 -9.01 -15.81 -1.95
N LYS A 45 -9.23 -17.10 -2.16
CA LYS A 45 -10.59 -17.65 -2.20
C LYS A 45 -11.21 -17.91 -0.82
N TYR A 46 -12.36 -17.30 -0.57
CA TYR A 46 -13.12 -17.54 0.66
C TYR A 46 -13.79 -18.91 0.70
N MET A 47 -13.51 -19.67 1.77
CA MET A 47 -14.17 -20.95 2.01
C MET A 47 -14.98 -20.88 3.30
N LYS A 48 -15.61 -21.99 3.65
CA LYS A 48 -16.53 -22.05 4.80
C LYS A 48 -15.95 -22.78 6.01
N SER A 49 -14.94 -23.62 5.80
CA SER A 49 -14.34 -24.37 6.91
C SER A 49 -12.84 -24.61 6.74
N ARG A 50 -12.18 -24.90 7.87
CA ARG A 50 -10.76 -25.26 7.90
C ARG A 50 -10.45 -26.47 7.05
N THR A 51 -11.36 -27.44 7.06
CA THR A 51 -11.22 -28.66 6.30
C THR A 51 -11.32 -28.32 4.82
N ILE A 52 -12.44 -27.71 4.42
CA ILE A 52 -12.65 -27.28 3.02
C ILE A 52 -11.45 -26.50 2.51
N LEU A 53 -10.92 -25.62 3.37
CA LEU A 53 -9.65 -24.99 3.12
C LEU A 53 -8.57 -26.07 3.07
N GLN A 54 -8.21 -26.60 4.25
CA GLN A 54 -7.11 -27.57 4.43
C GLN A 54 -6.90 -28.50 3.23
N GLN A 55 -7.99 -29.04 2.70
CA GLN A 55 -7.95 -29.83 1.49
C GLN A 55 -7.57 -28.95 0.31
N HIS A 56 -8.51 -28.12 -0.16
CA HIS A 56 -8.14 -27.14 -1.17
C HIS A 56 -6.91 -26.43 -0.64
N MET A 57 -5.78 -26.72 -1.28
CA MET A 57 -4.44 -26.26 -0.92
C MET A 57 -3.58 -27.37 -1.48
N LYS A 58 -4.17 -28.55 -1.55
CA LYS A 58 -3.64 -29.67 -2.33
C LYS A 58 -3.83 -29.34 -3.80
N LYS A 59 -5.03 -28.85 -4.13
CA LYS A 59 -5.27 -28.21 -5.42
C LYS A 59 -4.57 -26.86 -5.43
N CYS A 60 -5.18 -25.84 -6.03
CA CYS A 60 -4.47 -24.59 -6.30
C CYS A 60 -3.17 -24.93 -7.03
N GLY A 61 -2.08 -24.29 -6.56
CA GLY A 61 -0.79 -24.38 -7.21
C GLY A 61 -0.30 -22.96 -7.34
N TRP A 62 -1.19 -22.03 -6.98
CA TRP A 62 -0.88 -20.61 -6.86
C TRP A 62 -0.10 -20.38 -5.57
N PHE A 63 1.11 -19.83 -5.72
CA PHE A 63 1.99 -19.61 -4.57
C PHE A 63 2.54 -18.17 -4.59
N HIS A 64 1.84 -17.29 -5.29
CA HIS A 64 2.24 -15.90 -5.45
C HIS A 64 1.16 -15.22 -6.26
N PRO A 65 1.12 -13.88 -6.24
CA PRO A 65 0.16 -13.12 -7.06
C PRO A 65 0.20 -13.34 -8.59
N PRO A 66 -0.91 -13.02 -9.28
CA PRO A 66 -1.18 -13.23 -10.70
C PRO A 66 -0.28 -12.55 -11.75
N ALA A 67 0.11 -11.31 -11.56
CA ALA A 67 0.76 -10.58 -12.66
C ALA A 67 2.27 -10.81 -12.78
N ASN A 68 3.00 -9.79 -13.22
CA ASN A 68 4.46 -9.82 -13.23
C ASN A 68 5.06 -9.07 -12.04
N GLU A 69 6.17 -9.57 -11.54
CA GLU A 69 6.93 -8.86 -10.51
C GLU A 69 7.55 -7.62 -11.13
N ILE A 70 7.15 -6.45 -10.66
CA ILE A 70 7.76 -5.23 -11.16
C ILE A 70 8.98 -4.87 -10.32
N TYR A 71 9.00 -5.34 -9.08
CA TYR A 71 10.05 -5.03 -8.12
C TYR A 71 10.31 -6.24 -7.22
N ARG A 72 11.58 -6.61 -7.10
CA ARG A 72 12.05 -7.63 -6.15
C ARG A 72 13.42 -7.22 -5.64
N LYS A 73 13.50 -6.85 -4.36
CA LYS A 73 14.78 -6.67 -3.69
C LYS A 73 14.74 -7.36 -2.34
N ASN A 74 15.78 -8.14 -2.04
CA ASN A 74 15.83 -8.99 -0.85
C ASN A 74 14.55 -9.82 -0.73
N ASN A 75 13.89 -9.77 0.44
CA ASN A 75 12.71 -10.58 0.68
C ASN A 75 11.42 -9.98 0.09
N ILE A 76 11.33 -8.65 0.08
CA ILE A 76 10.11 -7.97 -0.36
C ILE A 76 9.96 -7.97 -1.89
N SER A 77 8.70 -8.03 -2.36
CA SER A 77 8.39 -7.90 -3.79
C SER A 77 7.02 -7.29 -4.03
N VAL A 78 6.86 -6.57 -5.14
CA VAL A 78 5.54 -6.09 -5.58
C VAL A 78 5.13 -6.61 -6.97
N PHE A 79 3.89 -7.06 -7.07
CA PHE A 79 3.34 -7.53 -8.31
C PHE A 79 2.32 -6.50 -8.73
N GLU A 80 2.41 -6.07 -9.99
CA GLU A 80 1.46 -5.12 -10.56
C GLU A 80 0.35 -5.93 -11.22
N VAL A 81 -0.74 -6.13 -10.49
CA VAL A 81 -1.82 -6.96 -10.99
C VAL A 81 -2.87 -6.10 -11.68
N ASP A 82 -3.14 -6.43 -12.94
CA ASP A 82 -4.14 -5.70 -13.72
C ASP A 82 -5.55 -6.21 -13.40
N GLY A 83 -6.42 -5.27 -13.05
CA GLY A 83 -7.83 -5.54 -12.77
C GLY A 83 -8.49 -6.32 -13.89
N ASN A 84 -8.19 -5.96 -15.13
CA ASN A 84 -8.76 -6.63 -16.30
C ASN A 84 -8.25 -8.06 -16.48
N VAL A 85 -6.94 -8.20 -16.66
CA VAL A 85 -6.34 -9.51 -16.89
C VAL A 85 -6.79 -10.56 -15.87
N SER A 86 -6.54 -10.32 -14.59
CA SER A 86 -6.85 -11.30 -13.53
C SER A 86 -7.83 -10.75 -12.48
N THR A 87 -9.09 -10.66 -12.90
CA THR A 87 -10.15 -9.98 -12.14
C THR A 87 -10.43 -10.61 -10.79
N ILE A 88 -11.11 -11.74 -10.80
CA ILE A 88 -11.54 -12.46 -9.58
C ILE A 88 -10.58 -12.32 -8.38
N TYR A 89 -9.28 -12.41 -8.63
CA TYR A 89 -8.27 -12.17 -7.60
C TYR A 89 -8.49 -10.77 -7.06
N CYS A 90 -8.34 -9.76 -7.92
CA CYS A 90 -8.58 -8.37 -7.53
C CYS A 90 -9.90 -8.21 -6.80
N GLN A 91 -10.95 -8.80 -7.36
CA GLN A 91 -12.27 -8.85 -6.71
C GLN A 91 -12.16 -9.34 -5.27
N ASN A 92 -11.38 -10.39 -5.05
CA ASN A 92 -11.24 -10.95 -3.72
C ASN A 92 -10.32 -10.13 -2.86
N LEU A 93 -9.40 -9.42 -3.50
CA LEU A 93 -8.50 -8.55 -2.79
C LEU A 93 -9.33 -7.46 -2.10
N CYS A 94 -10.26 -6.89 -2.86
CA CYS A 94 -11.18 -5.89 -2.34
C CYS A 94 -12.01 -6.43 -1.18
N LEU A 95 -12.54 -7.64 -1.32
CA LEU A 95 -13.29 -8.23 -0.23
C LEU A 95 -12.41 -8.34 1.02
N LEU A 96 -11.21 -8.90 0.88
CA LEU A 96 -10.24 -8.95 1.97
C LEU A 96 -9.93 -7.56 2.52
N ALA A 97 -9.68 -6.61 1.63
CA ALA A 97 -9.29 -5.27 2.01
C ALA A 97 -10.38 -4.58 2.84
N LYS A 98 -11.62 -4.74 2.41
CA LYS A 98 -12.75 -4.04 3.04
C LYS A 98 -12.93 -4.46 4.47
N LEU A 99 -12.41 -5.64 4.83
CA LEU A 99 -12.43 -6.07 6.23
C LEU A 99 -11.66 -5.09 7.11
N PHE A 100 -10.89 -4.20 6.49
CA PHE A 100 -10.02 -3.27 7.22
C PHE A 100 -10.13 -1.82 6.80
N LEU A 101 -11.08 -1.55 5.91
CA LEU A 101 -11.38 -0.20 5.49
C LEU A 101 -12.84 0.05 5.81
N ASP A 102 -13.11 1.05 6.61
CA ASP A 102 -14.49 1.40 6.95
C ASP A 102 -15.34 1.70 5.71
N HIS A 103 -14.83 2.55 4.84
CA HIS A 103 -15.50 2.94 3.60
C HIS A 103 -14.71 2.43 2.42
N LYS A 104 -15.32 1.53 1.63
CA LYS A 104 -14.69 1.07 0.39
C LYS A 104 -15.73 0.77 -0.68
N THR A 105 -15.83 1.68 -1.64
CA THR A 105 -16.66 1.45 -2.82
C THR A 105 -15.80 0.65 -3.80
N LEU A 106 -16.44 0.04 -4.80
CA LEU A 106 -15.77 -0.77 -5.83
C LEU A 106 -15.28 -2.12 -5.32
N TYR A 107 -15.82 -3.17 -5.93
CA TYR A 107 -15.49 -4.55 -5.61
C TYR A 107 -15.50 -5.35 -6.89
N TYR A 108 -16.70 -5.44 -7.48
CA TYR A 108 -16.94 -6.20 -8.69
C TYR A 108 -16.34 -5.53 -9.92
N ASP A 109 -16.20 -4.20 -9.86
CA ASP A 109 -15.68 -3.45 -11.00
C ASP A 109 -14.17 -3.19 -10.89
N VAL A 110 -13.41 -4.28 -10.86
CA VAL A 110 -11.97 -4.22 -10.63
C VAL A 110 -11.17 -3.76 -11.85
N GLU A 111 -11.60 -4.21 -13.03
CA GLU A 111 -10.92 -3.95 -14.32
C GLU A 111 -10.35 -2.54 -14.53
N PRO A 112 -11.11 -1.49 -14.12
CA PRO A 112 -10.60 -0.12 -14.16
C PRO A 112 -9.39 0.19 -13.27
N PHE A 113 -9.04 -0.68 -12.33
CA PHE A 113 -7.91 -0.43 -11.43
C PHE A 113 -6.73 -1.37 -11.68
N LEU A 114 -5.53 -0.88 -11.41
CA LEU A 114 -4.34 -1.72 -11.27
C LEU A 114 -4.08 -1.99 -9.78
N PHE A 115 -3.80 -3.24 -9.44
CA PHE A 115 -3.56 -3.63 -8.06
C PHE A 115 -2.08 -3.99 -7.84
N TYR A 116 -1.41 -3.21 -7.01
CA TYR A 116 0.00 -3.47 -6.70
C TYR A 116 0.13 -4.19 -5.37
N VAL A 117 0.41 -5.49 -5.39
CA VAL A 117 0.46 -6.27 -4.14
C VAL A 117 1.89 -6.53 -3.65
N LEU A 118 2.14 -6.18 -2.40
CA LEU A 118 3.44 -6.36 -1.78
C LEU A 118 3.49 -7.73 -1.09
N THR A 119 4.55 -8.49 -1.33
CA THR A 119 4.70 -9.80 -0.69
C THR A 119 6.03 -9.96 0.01
N GLN A 120 6.02 -10.72 1.10
CA GLN A 120 7.25 -11.13 1.78
C GLN A 120 7.48 -12.61 1.49
N ASN A 121 8.62 -12.90 0.90
CA ASN A 121 8.90 -14.19 0.31
C ASN A 121 9.80 -15.10 1.16
N ASP A 122 9.53 -16.41 1.07
CA ASP A 122 10.36 -17.46 1.69
C ASP A 122 10.13 -18.75 0.93
N VAL A 123 10.69 -19.86 1.43
CA VAL A 123 10.49 -21.19 0.83
C VAL A 123 9.01 -21.43 0.48
N LYS A 124 8.13 -21.24 1.45
CA LYS A 124 6.70 -21.56 1.29
C LYS A 124 6.00 -20.69 0.23
N GLY A 125 6.64 -19.60 -0.17
CA GLY A 125 6.09 -18.75 -1.23
C GLY A 125 6.22 -17.25 -1.09
N CYS A 126 5.57 -16.54 -2.00
CA CYS A 126 5.52 -15.08 -2.00
C CYS A 126 4.20 -14.65 -1.35
N HIS A 127 4.28 -14.32 -0.06
CA HIS A 127 3.13 -14.13 0.82
C HIS A 127 2.58 -12.73 0.83
N LEU A 128 1.28 -12.59 0.61
CA LEU A 128 0.63 -11.28 0.61
C LEU A 128 0.83 -10.57 1.95
N VAL A 129 1.44 -9.39 1.91
CA VAL A 129 1.57 -8.58 3.13
C VAL A 129 0.72 -7.32 3.05
N GLY A 130 0.24 -7.00 1.85
CA GLY A 130 -0.64 -5.84 1.64
C GLY A 130 -0.54 -5.33 0.21
N TYR A 131 -1.37 -4.37 -0.14
CA TYR A 131 -1.40 -3.86 -1.50
C TYR A 131 -1.79 -2.40 -1.49
N PHE A 132 -1.80 -1.79 -2.68
CA PHE A 132 -2.50 -0.52 -2.89
C PHE A 132 -3.19 -0.45 -4.26
N SER A 133 -4.23 0.37 -4.36
CA SER A 133 -5.04 0.54 -5.57
C SER A 133 -4.76 1.82 -6.35
N LYS A 134 -5.04 1.79 -7.65
CA LYS A 134 -4.77 2.90 -8.57
C LYS A 134 -5.66 2.81 -9.81
N GLU A 135 -6.50 3.83 -10.01
CA GLU A 135 -7.44 3.87 -11.13
C GLU A 135 -6.69 4.02 -12.45
N LYS A 136 -6.98 3.14 -13.41
CA LYS A 136 -6.29 3.16 -14.70
C LYS A 136 -6.26 4.56 -15.29
N HIS A 137 -7.42 5.04 -15.71
CA HIS A 137 -7.55 6.38 -16.24
C HIS A 137 -8.28 7.22 -15.20
N CYS A 138 -7.67 8.32 -14.79
CA CYS A 138 -8.09 9.04 -13.60
C CYS A 138 -9.11 10.14 -13.82
N GLN A 139 -10.15 10.13 -12.98
CA GLN A 139 -11.12 11.22 -12.87
C GLN A 139 -10.39 12.44 -12.32
N GLN A 140 -9.70 12.25 -11.20
CA GLN A 140 -8.74 13.19 -10.67
C GLN A 140 -7.38 12.49 -10.75
N LYS A 141 -6.33 13.22 -11.13
CA LYS A 141 -4.96 12.67 -11.14
C LYS A 141 -4.65 12.20 -9.72
N TYR A 142 -4.66 10.87 -9.53
CA TYR A 142 -4.80 10.25 -8.21
C TYR A 142 -3.89 9.05 -7.96
N ASN A 143 -2.61 9.28 -7.70
CA ASN A 143 -1.66 8.16 -7.64
C ASN A 143 -2.04 6.99 -6.73
N VAL A 144 -2.85 7.24 -5.70
CA VAL A 144 -3.35 6.14 -4.86
C VAL A 144 -4.87 6.19 -4.67
N SER A 145 -5.54 5.10 -5.03
CA SER A 145 -6.98 4.99 -4.84
C SER A 145 -7.29 4.32 -3.51
N CYS A 146 -6.39 3.42 -3.10
CA CYS A 146 -6.52 2.71 -1.82
C CYS A 146 -5.19 2.13 -1.35
N ILE A 147 -5.06 1.90 -0.04
CA ILE A 147 -3.83 1.30 0.51
C ILE A 147 -4.10 0.51 1.80
N MET A 148 -3.55 -0.69 1.87
CA MET A 148 -3.83 -1.56 2.99
C MET A 148 -2.63 -2.45 3.26
N ILE A 149 -2.33 -2.64 4.54
CA ILE A 149 -1.34 -3.62 5.00
C ILE A 149 -2.02 -4.48 6.06
N LEU A 150 -1.99 -5.79 5.88
CA LEU A 150 -2.65 -6.67 6.81
C LEU A 150 -2.12 -6.46 8.24
N PRO A 151 -3.03 -6.54 9.23
CA PRO A 151 -2.71 -6.34 10.64
C PRO A 151 -1.42 -7.02 11.09
N GLN A 152 -1.27 -8.31 10.82
CA GLN A 152 -0.10 -9.04 11.31
C GLN A 152 1.23 -8.46 10.80
N TYR A 153 1.17 -7.57 9.81
CA TYR A 153 2.40 -6.98 9.30
C TYR A 153 2.53 -5.49 9.62
N GLN A 154 1.48 -4.90 10.20
CA GLN A 154 1.41 -3.45 10.41
C GLN A 154 2.43 -2.94 11.39
N ARG A 155 2.65 -1.63 11.36
CA ARG A 155 3.62 -0.94 12.22
C ARG A 155 5.06 -1.42 12.03
N LYS A 156 5.37 -1.90 10.83
CA LYS A 156 6.71 -2.40 10.49
C LYS A 156 7.32 -1.70 9.27
N GLY A 157 6.76 -0.55 8.88
CA GLY A 157 7.28 0.23 7.77
C GLY A 157 6.88 -0.21 6.39
N TYR A 158 5.97 -1.19 6.29
CA TYR A 158 5.46 -1.65 5.01
C TYR A 158 4.56 -0.60 4.38
N GLY A 159 3.85 0.13 5.22
CA GLY A 159 2.97 1.22 4.79
C GLY A 159 3.74 2.27 4.03
N ARG A 160 4.74 2.85 4.68
CA ARG A 160 5.58 3.83 4.01
C ARG A 160 6.17 3.24 2.73
N PHE A 161 6.70 2.01 2.81
CA PHE A 161 7.25 1.35 1.62
C PHE A 161 6.25 1.49 0.49
N LEU A 162 5.04 1.01 0.71
CA LEU A 162 4.03 1.03 -0.32
C LEU A 162 3.75 2.46 -0.77
N ILE A 163 3.53 3.33 0.22
CA ILE A 163 3.35 4.76 -0.02
C ILE A 163 4.45 5.24 -0.95
N ASP A 164 5.70 5.18 -0.47
CA ASP A 164 6.85 5.57 -1.27
C ASP A 164 6.80 4.98 -2.68
N PHE A 165 6.65 3.67 -2.78
CA PHE A 165 6.55 2.99 -4.07
C PHE A 165 5.55 3.74 -4.95
N SER A 166 4.39 4.05 -4.40
CA SER A 166 3.32 4.69 -5.17
C SER A 166 3.74 6.02 -5.82
N TYR A 167 4.67 6.74 -5.18
CA TYR A 167 5.21 7.95 -5.78
C TYR A 167 6.22 7.66 -6.86
N LEU A 168 7.19 6.80 -6.58
CA LEU A 168 8.15 6.38 -7.60
C LEU A 168 7.41 6.06 -8.90
N LEU A 169 6.26 5.40 -8.79
CA LEU A 169 5.40 5.16 -9.94
C LEU A 169 5.04 6.46 -10.65
N SER A 170 4.30 7.32 -9.96
CA SER A 170 3.92 8.62 -10.53
C SER A 170 5.12 9.51 -10.79
N LYS A 171 6.17 9.33 -9.98
CA LYS A 171 7.43 10.06 -10.14
C LYS A 171 7.90 9.95 -11.58
N ARG A 172 8.22 8.73 -12.00
CA ARG A 172 8.71 8.50 -13.35
C ARG A 172 7.61 8.55 -14.42
N GLU A 173 6.38 8.83 -13.99
CA GLU A 173 5.32 9.18 -14.91
C GLU A 173 5.48 10.65 -15.31
N GLY A 174 6.15 11.42 -14.45
CA GLY A 174 6.24 12.88 -14.58
C GLY A 174 4.98 13.53 -14.03
N GLN A 175 4.00 12.69 -13.73
CA GLN A 175 2.66 13.11 -13.36
C GLN A 175 2.51 12.97 -11.85
N ALA A 176 2.80 14.05 -11.13
CA ALA A 176 2.74 14.06 -9.68
C ALA A 176 1.29 14.02 -9.19
N GLY A 177 0.94 12.97 -8.45
CA GLY A 177 -0.42 12.78 -7.96
C GLY A 177 -0.52 12.84 -6.45
N SER A 178 -1.68 12.47 -5.94
CA SER A 178 -1.91 12.36 -4.51
C SER A 178 -2.98 11.32 -4.20
N PRO A 179 -3.02 10.84 -2.95
CA PRO A 179 -3.94 9.78 -2.53
C PRO A 179 -5.38 10.24 -2.59
N GLU A 180 -6.29 9.30 -2.81
CA GLU A 180 -7.72 9.60 -2.82
C GLU A 180 -8.07 10.20 -1.46
N LYS A 181 -8.30 11.51 -1.44
CA LYS A 181 -8.27 12.33 -0.20
C LYS A 181 -9.30 12.14 0.92
N PRO A 182 -10.42 11.44 0.66
CA PRO A 182 -11.13 10.98 1.86
C PRO A 182 -10.31 9.88 2.56
N LEU A 183 -9.27 10.29 3.29
CA LEU A 183 -8.35 9.38 3.96
C LEU A 183 -8.94 8.82 5.24
N SER A 184 -8.61 7.56 5.53
CA SER A 184 -8.91 6.96 6.82
C SER A 184 -8.04 7.63 7.86
N ASP A 185 -8.43 7.52 9.12
CA ASP A 185 -7.60 8.03 10.20
C ASP A 185 -6.17 7.47 10.16
N LEU A 186 -6.04 6.15 9.99
CA LEU A 186 -4.73 5.50 9.96
C LEU A 186 -3.91 5.95 8.78
N GLY A 187 -4.56 6.01 7.63
CA GLY A 187 -3.91 6.48 6.40
C GLY A 187 -3.41 7.91 6.55
N ARG A 188 -4.25 8.74 7.14
CA ARG A 188 -3.94 10.15 7.34
C ARG A 188 -2.59 10.33 8.01
N LEU A 189 -2.36 9.63 9.12
CA LEU A 189 -1.09 9.72 9.84
C LEU A 189 0.04 9.17 9.00
N SER A 190 -0.25 8.08 8.28
CA SER A 190 0.74 7.44 7.41
C SER A 190 1.33 8.41 6.40
N TYR A 191 0.48 9.28 5.84
CA TYR A 191 0.91 10.30 4.88
C TYR A 191 1.53 11.51 5.54
N MET A 192 0.77 12.12 6.43
CA MET A 192 1.25 13.25 7.22
C MET A 192 2.68 12.96 7.66
N ALA A 193 2.91 11.79 8.23
CA ALA A 193 4.24 11.41 8.71
C ALA A 193 5.23 11.01 7.60
N TYR A 194 4.71 10.57 6.45
CA TYR A 194 5.58 10.24 5.32
C TYR A 194 6.12 11.50 4.66
N TRP A 195 5.24 12.47 4.42
CA TRP A 195 5.64 13.71 3.82
C TRP A 195 6.71 14.41 4.66
N LYS A 196 6.49 14.46 5.98
CA LYS A 196 7.46 15.04 6.90
C LYS A 196 8.82 14.46 6.62
N SER A 197 8.99 13.18 6.96
CA SER A 197 10.23 12.45 6.72
C SER A 197 10.86 12.78 5.37
N VAL A 198 10.04 12.84 4.32
CA VAL A 198 10.55 13.01 2.96
C VAL A 198 10.88 14.49 2.65
N ILE A 199 10.24 15.41 3.37
CA ILE A 199 10.60 16.83 3.26
C ILE A 199 11.85 17.09 4.07
N LEU A 200 11.77 16.78 5.38
CA LEU A 200 12.92 16.90 6.26
C LEU A 200 14.10 16.07 5.73
N GLU A 201 13.82 15.18 4.78
CA GLU A 201 14.85 14.40 4.12
C GLU A 201 15.77 15.31 3.34
N CYS A 202 15.18 16.05 2.40
CA CYS A 202 15.94 16.88 1.48
C CYS A 202 16.66 18.06 2.14
N LEU A 203 16.11 18.56 3.24
CA LEU A 203 16.77 19.64 3.96
C LEU A 203 18.21 19.25 4.30
N TYR A 204 18.40 18.04 4.84
CA TYR A 204 19.74 17.54 5.12
C TYR A 204 20.49 17.07 3.87
N HIS A 205 19.79 16.89 2.75
CA HIS A 205 20.41 16.42 1.50
C HIS A 205 20.42 17.48 0.40
N GLN A 206 20.97 18.63 0.74
CA GLN A 206 21.03 19.80 -0.12
C GLN A 206 21.22 20.97 0.83
N ASN A 207 22.48 21.25 1.14
CA ASN A 207 22.83 22.41 1.97
C ASN A 207 22.70 23.71 1.17
N ASP A 208 22.10 23.58 -0.01
CA ASP A 208 21.64 24.69 -0.83
C ASP A 208 20.13 24.79 -0.66
N LYS A 209 19.58 26.00 -0.81
CA LYS A 209 18.14 26.20 -0.72
C LYS A 209 17.52 26.63 -2.06
N GLN A 210 16.32 26.12 -2.34
CA GLN A 210 15.66 26.39 -3.61
C GLN A 210 14.15 26.65 -3.50
N ILE A 211 13.34 25.64 -3.85
CA ILE A 211 11.93 25.90 -4.15
C ILE A 211 10.96 24.97 -3.42
N SER A 212 9.67 25.17 -3.69
CA SER A 212 8.59 24.36 -3.22
C SER A 212 8.10 23.49 -4.37
N ILE A 213 8.00 24.12 -5.55
CA ILE A 213 7.64 23.44 -6.79
C ILE A 213 8.80 22.57 -7.29
N LYS A 214 10.02 22.92 -6.87
CA LYS A 214 11.20 22.09 -7.12
C LYS A 214 11.25 20.96 -6.09
N LYS A 215 11.01 21.30 -4.83
CA LYS A 215 10.90 20.32 -3.75
C LYS A 215 9.83 19.30 -4.10
N LEU A 216 8.86 19.72 -4.92
CA LEU A 216 7.98 18.78 -5.63
C LEU A 216 8.86 18.00 -6.61
N SER A 217 8.39 17.83 -7.84
CA SER A 217 9.11 17.09 -8.92
C SER A 217 10.21 16.12 -8.45
N LYS A 218 11.27 16.66 -7.86
CA LYS A 218 12.35 15.90 -7.24
C LYS A 218 11.84 14.98 -6.12
N LEU A 219 10.51 14.99 -5.91
CA LEU A 219 9.90 14.24 -4.83
C LEU A 219 8.59 13.63 -5.23
N THR A 220 7.69 14.48 -5.73
CA THR A 220 6.35 14.10 -6.22
C THR A 220 5.21 14.45 -5.25
N GLY A 221 5.53 14.64 -3.97
CA GLY A 221 4.53 15.11 -3.00
C GLY A 221 4.02 16.47 -3.47
N ILE A 222 2.84 16.47 -4.09
CA ILE A 222 2.31 17.68 -4.76
C ILE A 222 2.26 18.91 -3.85
N CYS A 223 2.48 20.07 -4.46
CA CYS A 223 2.54 21.36 -3.75
C CYS A 223 1.42 21.58 -2.75
N PRO A 224 0.15 21.31 -3.12
CA PRO A 224 -0.89 21.38 -2.08
C PRO A 224 -0.45 20.70 -0.78
N GLN A 225 -0.10 19.42 -0.86
CA GLN A 225 0.47 18.70 0.28
C GLN A 225 1.86 19.28 0.56
N ASP A 226 2.63 18.63 1.44
CA ASP A 226 4.00 19.09 1.77
C ASP A 226 4.06 20.54 2.27
N ILE A 227 3.29 21.42 1.63
CA ILE A 227 3.05 22.75 2.12
C ILE A 227 2.16 22.66 3.36
N THR A 228 1.03 21.96 3.22
CA THR A 228 0.11 21.69 4.34
C THR A 228 0.87 20.93 5.41
N SER A 229 1.82 20.10 4.96
CA SER A 229 2.73 19.43 5.86
C SER A 229 3.55 20.48 6.59
N THR A 230 4.33 21.28 5.85
CA THR A 230 5.13 22.35 6.45
C THR A 230 4.31 23.29 7.34
N LEU A 231 3.05 23.53 6.97
CA LEU A 231 2.11 24.30 7.78
C LEU A 231 1.78 23.60 9.10
N HIS A 232 1.74 22.27 9.03
CA HIS A 232 1.58 21.43 10.21
C HIS A 232 2.88 21.41 11.02
N HIS A 233 3.96 21.91 10.44
CA HIS A 233 5.24 21.96 11.14
C HIS A 233 5.53 23.33 11.72
N LEU A 234 6.79 23.47 12.12
CA LEU A 234 7.37 24.75 12.50
C LEU A 234 8.29 25.13 11.33
N ARG A 235 7.77 24.95 10.11
CA ARG A 235 8.53 25.13 8.89
C ARG A 235 7.65 25.64 7.75
N MET A 236 6.43 26.06 8.08
CA MET A 236 5.56 26.72 7.12
C MET A 236 6.18 28.05 6.71
N LEU A 237 6.22 28.28 5.40
CA LEU A 237 6.72 29.50 4.77
C LEU A 237 7.31 29.14 3.41
N ASP A 238 6.80 29.82 2.38
CA ASP A 238 7.08 29.45 1.00
C ASP A 238 8.04 30.42 0.32
N ARG A 248 10.60 27.42 4.47
CA ARG A 248 11.39 27.84 5.68
C ARG A 248 12.11 26.64 6.30
N ARG A 249 13.41 26.79 6.51
CA ARG A 249 14.24 25.70 7.01
C ARG A 249 14.42 25.77 8.52
N GLU A 250 14.24 24.63 9.18
CA GLU A 250 14.52 24.50 10.62
C GLU A 250 15.71 23.56 10.79
N LYS A 251 16.91 24.07 10.50
CA LYS A 251 18.16 23.30 10.56
C LYS A 251 18.27 22.41 11.80
N LEU A 252 17.65 22.84 12.90
CA LEU A 252 17.58 22.05 14.12
C LEU A 252 16.25 21.29 14.20
N ILE A 253 16.18 20.22 13.42
CA ILE A 253 15.02 19.32 13.29
C ILE A 253 15.32 18.50 12.05
N GLN A 254 15.61 19.21 10.96
CA GLN A 254 16.18 18.62 9.75
C GLN A 254 17.41 17.81 10.12
N ASP A 255 18.10 18.25 11.17
CA ASP A 255 19.19 17.49 11.76
C ASP A 255 18.65 16.30 12.55
N HIS A 256 17.80 16.58 13.54
CA HIS A 256 17.23 15.55 14.43
C HIS A 256 16.74 14.29 13.68
N MET A 257 16.10 14.49 12.53
CA MET A 257 15.51 13.38 11.77
C MET A 257 16.51 12.58 10.96
N ALA A 258 17.41 13.28 10.25
CA ALA A 258 18.48 12.61 9.52
C ALA A 258 19.45 11.96 10.52
N LYS A 259 19.47 12.52 11.73
CA LYS A 259 20.16 11.91 12.86
C LYS A 259 19.39 10.70 13.36
N LEU A 260 18.06 10.79 13.34
CA LEU A 260 17.20 9.67 13.74
C LEU A 260 17.38 8.47 12.82
N GLN A 261 17.24 8.68 11.51
CA GLN A 261 17.41 7.62 10.51
C GLN A 261 18.63 6.75 10.78
N LEU A 262 19.72 7.40 11.20
CA LEU A 262 20.92 6.69 11.61
C LEU A 262 20.75 6.08 13.00
N ASN A 263 20.05 4.96 13.04
CA ASN A 263 19.81 4.17 14.24
C ASN A 263 19.45 2.78 13.76
N LEU A 264 18.68 2.76 12.67
CA LEU A 264 18.19 1.58 11.97
C LEU A 264 17.36 2.15 10.84
N ARG A 265 17.84 1.96 9.61
CA ARG A 265 17.15 2.44 8.41
C ARG A 265 15.78 1.74 8.22
N PRO A 266 14.99 2.14 7.19
CA PRO A 266 13.79 1.40 6.79
C PRO A 266 13.91 -0.03 6.19
N VAL A 267 12.84 -0.34 5.44
CA VAL A 267 12.66 -1.50 4.58
C VAL A 267 12.32 -0.72 3.32
N ASP A 268 13.32 -0.08 2.72
CA ASP A 268 13.06 0.97 1.74
C ASP A 268 13.03 0.51 0.30
N VAL A 269 12.24 1.21 -0.51
CA VAL A 269 12.17 0.97 -1.94
C VAL A 269 13.49 1.37 -2.56
N ASP A 270 14.04 0.46 -3.38
CA ASP A 270 15.24 0.76 -4.13
C ASP A 270 14.83 0.92 -5.58
N PRO A 271 14.91 2.15 -6.12
CA PRO A 271 14.40 2.46 -7.45
C PRO A 271 15.19 1.74 -8.54
N GLU A 272 16.42 1.34 -8.22
CA GLU A 272 17.25 0.57 -9.14
C GLU A 272 16.69 -0.84 -9.31
N CYS A 273 16.03 -1.34 -8.28
CA CYS A 273 15.46 -2.70 -8.25
C CYS A 273 14.04 -2.83 -8.80
N LEU A 274 13.54 -1.79 -9.46
CA LEU A 274 12.20 -1.79 -10.04
C LEU A 274 12.23 -1.77 -11.56
N ARG A 275 11.63 -2.78 -12.19
CA ARG A 275 11.49 -2.79 -13.64
C ARG A 275 10.08 -2.37 -14.00
N TRP A 276 9.92 -1.12 -14.42
CA TRP A 276 8.61 -0.57 -14.75
C TRP A 276 8.74 0.62 -15.69
N THR A 277 8.09 0.51 -16.85
CA THR A 277 7.96 1.64 -17.78
C THR A 277 6.54 2.20 -17.64
N PRO A 278 6.43 3.54 -17.50
CA PRO A 278 5.13 4.24 -17.39
C PRO A 278 4.25 4.04 -18.62
N VAL A 279 2.99 4.47 -18.51
CA VAL A 279 2.02 4.44 -19.62
C VAL A 279 1.83 3.03 -20.19
ZN ZN B . -6.01 -21.12 -3.40
N1A ACO C . 7.91 7.88 10.49
C2A ACO C . 7.16 6.79 10.21
N3A ACO C . 6.13 6.39 10.96
C4A ACO C . 5.76 7.05 12.06
C5A ACO C . 6.51 8.24 12.44
C6A ACO C . 7.65 8.65 11.57
N6A ACO C . 8.42 9.74 11.83
N7A ACO C . 5.92 8.69 13.57
C8A ACO C . 4.90 7.86 13.87
N9A ACO C . 4.79 6.88 12.96
C1B ACO C . 3.79 5.78 12.99
C2B ACO C . 2.37 6.23 12.65
O2B ACO C . 1.69 6.72 13.81
C3B ACO C . 1.72 4.97 12.11
O3B ACO C . 1.34 4.17 13.22
P3B ACO C . -0.19 3.77 13.61
O7A ACO C . -0.96 5.07 13.60
O8A ACO C . -0.16 3.22 15.01
O9A ACO C . -0.46 2.75 12.53
C4B ACO C . 2.88 4.22 11.44
O4B ACO C . 4.07 4.73 12.06
C5B ACO C . 2.96 4.33 9.92
O5B ACO C . 4.06 3.50 9.49
P1A ACO C . 3.94 2.07 8.72
O1A ACO C . 4.45 0.99 9.66
O2A ACO C . 4.57 2.20 7.35
O3A ACO C . 2.37 1.85 8.46
P2A ACO C . 1.77 0.38 8.16
O4A ACO C . 1.09 -0.12 9.42
O5A ACO C . 2.81 -0.51 7.53
O6A ACO C . 0.62 0.80 7.11
CBP ACO C . -1.63 1.75 7.04
CCP ACO C . -0.18 1.95 7.42
CDP ACO C . -2.43 2.98 7.42
CEP ACO C . -1.70 1.54 5.54
CAP ACO C . -2.19 0.53 7.81
OAP ACO C . -2.33 0.85 9.20
C9P ACO C . -3.48 -0.03 7.20
O9P ACO C . -3.42 -0.96 6.40
N8P ACO C . -4.64 0.51 7.59
C7P ACO C . -5.93 -0.04 7.24
C6P ACO C . -6.47 0.51 5.92
C5P ACO C . -6.52 2.03 5.96
O5P ACO C . -7.04 2.58 6.91
N4P ACO C . -5.96 2.66 4.91
C3P ACO C . -6.12 4.07 4.54
C2P ACO C . -6.86 4.29 3.22
S1P ACO C . -6.55 5.91 2.56
C ACO C . -6.71 5.95 0.91
O ACO C . -7.46 5.18 0.36
CH3 ACO C . -5.93 6.95 0.12
#